data_3LXX
#
_entry.id   3LXX
#
_cell.length_a   41.266
_cell.length_b   102.663
_cell.length_c   100.555
_cell.angle_alpha   90.000
_cell.angle_beta   90.000
_cell.angle_gamma   90.000
#
_symmetry.space_group_name_H-M   'C 2 2 21'
#
loop_
_entity.id
_entity.type
_entity.pdbx_description
1 polymer 'GTPase IMAP family member 4'
2 non-polymer "GUANOSINE-5'-DIPHOSPHATE"
3 non-polymer 'MAGNESIUM ION'
4 non-polymer 'UNKNOWN ATOM OR ION'
5 water water
#
_entity_poly.entity_id   1
_entity_poly.type   'polypeptide(L)'
_entity_poly.pdbx_seq_one_letter_code
;(MSE)HHHHHHSSGRENLYFQGGPGRQEPRNSQLRIVLVGKTGAGKSATGNSILGRKVFHSGTAAKSITKKCEKRSSSWK
ETELVVVDTPGIFDTEVPNAETSKEIIRCILLTSPGPHALLLVVPLGRYTEEEHKATEKILK(MSE)FGERARSF(MSE)
ILIFTRKDDLGDTNLHDYLREAPEDIQDL(MSE)DIFGDRYCALNNKATGAEQEAQRAQLLGLIQRVVRENKEGCYTNR
(MSE)YQRAEEEIQKQTQA(MSE)
;
_entity_poly.pdbx_strand_id   A
#
# COMPACT_ATOMS: atom_id res chain seq x y z
N SER A 28 -12.31 -5.41 15.10
CA SER A 28 -12.94 -4.63 13.99
C SER A 28 -12.12 -4.76 12.70
N GLN A 29 -12.65 -4.24 11.60
CA GLN A 29 -12.07 -4.43 10.27
C GLN A 29 -11.21 -3.25 9.80
N LEU A 30 -10.02 -3.56 9.28
CA LEU A 30 -9.04 -2.60 8.81
C LEU A 30 -8.83 -2.79 7.31
N ARG A 31 -9.28 -1.81 6.53
CA ARG A 31 -9.33 -1.91 5.09
C ARG A 31 -8.17 -1.13 4.49
N ILE A 32 -7.36 -1.82 3.70
CA ILE A 32 -6.10 -1.30 3.18
C ILE A 32 -6.11 -1.46 1.68
N VAL A 33 -5.78 -0.39 0.94
CA VAL A 33 -5.63 -0.46 -0.52
C VAL A 33 -4.19 -0.18 -0.93
N LEU A 34 -3.70 -0.93 -1.91
CA LEU A 34 -2.32 -0.82 -2.37
C LEU A 34 -2.30 -0.21 -3.73
N VAL A 35 -1.57 0.91 -3.88
CA VAL A 35 -1.38 1.53 -5.18
C VAL A 35 0.11 1.72 -5.51
N GLY A 36 0.41 1.78 -6.80
CA GLY A 36 1.77 1.84 -7.26
C GLY A 36 1.91 1.36 -8.69
N LYS A 37 3.06 1.64 -9.27
CA LYS A 37 3.38 1.16 -10.60
C LYS A 37 3.60 -0.34 -10.60
N THR A 38 3.19 -0.98 -11.69
CA THR A 38 3.50 -2.40 -11.90
C THR A 38 5.00 -2.62 -11.68
N GLY A 39 5.34 -3.59 -10.84
CA GLY A 39 6.75 -3.90 -10.51
C GLY A 39 7.23 -3.24 -9.21
N ALA A 40 6.35 -2.49 -8.54
CA ALA A 40 6.71 -1.82 -7.28
C ALA A 40 6.82 -2.80 -6.12
N GLY A 41 6.06 -3.88 -6.18
CA GLY A 41 5.95 -4.84 -5.07
C GLY A 41 4.63 -4.76 -4.31
N LYS A 42 3.57 -4.28 -4.96
CA LYS A 42 2.23 -4.24 -4.34
C LYS A 42 1.81 -5.61 -3.82
N SER A 43 1.78 -6.58 -4.72
CA SER A 43 1.26 -7.90 -4.39
C SER A 43 2.08 -8.57 -3.28
N ALA A 44 3.40 -8.49 -3.40
CA ALA A 44 4.32 -8.96 -2.36
C ALA A 44 4.07 -8.27 -1.01
N THR A 45 3.87 -6.97 -1.03
CA THR A 45 3.55 -6.20 0.18
C THR A 45 2.23 -6.65 0.79
N GLY A 46 1.27 -6.94 -0.06
CA GLY A 46 -0.01 -7.44 0.40
C GLY A 46 0.10 -8.79 1.07
N ASN A 47 0.99 -9.62 0.55
CA ASN A 47 1.26 -10.93 1.14
C ASN A 47 1.87 -10.79 2.51
N SER A 48 2.80 -9.85 2.63
CA SER A 48 3.49 -9.58 3.87
C SER A 48 2.48 -9.06 4.93
N ILE A 49 1.56 -8.18 4.53
CA ILE A 49 0.49 -7.65 5.42
C ILE A 49 -0.42 -8.78 5.93
N LEU A 50 -0.86 -9.61 5.00
CA LEU A 50 -1.81 -10.71 5.28
C LEU A 50 -1.13 -11.93 5.91
N GLY A 51 0.18 -12.00 5.81
CA GLY A 51 0.94 -13.07 6.44
C GLY A 51 0.76 -14.39 5.74
N ARG A 52 0.46 -14.37 4.45
CA ARG A 52 0.38 -15.58 3.62
C ARG A 52 0.52 -15.18 2.15
N LYS A 53 0.98 -16.11 1.33
CA LYS A 53 1.17 -15.85 -0.09
C LYS A 53 -0.14 -16.15 -0.80
N VAL A 54 -0.91 -15.09 -1.05
CA VAL A 54 -2.22 -15.21 -1.68
C VAL A 54 -2.32 -14.34 -2.95
N PHE A 55 -1.67 -13.18 -2.98
CA PHE A 55 -1.60 -12.40 -4.21
C PHE A 55 -0.47 -12.95 -5.08
N HIS A 56 -0.56 -12.68 -6.37
CA HIS A 56 0.37 -13.24 -7.36
C HIS A 56 1.43 -12.21 -7.72
N SER A 57 2.61 -12.45 -7.17
CA SER A 57 3.70 -11.49 -7.13
C SER A 57 4.70 -11.82 -8.22
N THR A 65 -1.24 -9.76 -11.80
CA THR A 65 -2.35 -8.91 -11.31
C THR A 65 -3.05 -8.16 -12.48
N LYS A 66 -3.97 -8.86 -13.14
CA LYS A 66 -4.78 -8.29 -14.22
C LYS A 66 -6.02 -7.51 -13.72
N LYS A 67 -6.47 -7.81 -12.51
CA LYS A 67 -7.64 -7.15 -11.90
C LYS A 67 -7.42 -6.93 -10.39
N CYS A 68 -8.21 -6.04 -9.80
CA CYS A 68 -8.21 -5.86 -8.35
C CYS A 68 -8.64 -7.14 -7.66
N GLU A 69 -7.98 -7.45 -6.56
CA GLU A 69 -8.27 -8.61 -5.77
C GLU A 69 -8.34 -8.19 -4.31
N LYS A 70 -9.41 -8.62 -3.62
CA LYS A 70 -9.59 -8.40 -2.20
C LYS A 70 -9.35 -9.70 -1.42
N ARG A 71 -8.49 -9.67 -0.42
CA ARG A 71 -8.22 -10.84 0.45
C ARG A 71 -8.11 -10.38 1.89
N SER A 72 -8.45 -11.29 2.81
CA SER A 72 -8.54 -10.99 4.24
C SER A 72 -7.65 -11.91 5.08
N SER A 73 -7.28 -11.44 6.27
CA SER A 73 -6.68 -12.30 7.32
C SER A 73 -7.19 -11.85 8.69
N SER A 74 -7.07 -12.75 9.66
CA SER A 74 -7.33 -12.44 11.07
C SER A 74 -5.98 -12.15 11.72
N TRP A 75 -5.85 -10.98 12.32
CA TRP A 75 -4.65 -10.61 13.06
C TRP A 75 -5.05 -10.06 14.44
N LYS A 76 -4.74 -10.82 15.49
CA LYS A 76 -5.22 -10.53 16.83
C LYS A 76 -6.75 -10.38 16.78
N GLU A 77 -7.31 -9.28 17.26
CA GLU A 77 -8.76 -9.10 17.20
C GLU A 77 -9.16 -8.21 16.02
N THR A 78 -8.31 -8.16 14.98
CA THR A 78 -8.56 -7.32 13.80
C THR A 78 -8.66 -8.14 12.53
N GLU A 79 -9.70 -7.87 11.72
CA GLU A 79 -9.78 -8.45 10.39
C GLU A 79 -9.09 -7.48 9.45
N LEU A 80 -7.97 -7.92 8.86
CA LEU A 80 -7.23 -7.13 7.86
C LEU A 80 -7.84 -7.44 6.52
N VAL A 81 -8.17 -6.41 5.74
CA VAL A 81 -8.83 -6.56 4.43
C VAL A 81 -7.93 -5.76 3.49
N VAL A 82 -7.29 -6.46 2.55
CA VAL A 82 -6.31 -5.84 1.70
C VAL A 82 -6.76 -5.92 0.24
N VAL A 83 -6.79 -4.78 -0.41
CA VAL A 83 -7.11 -4.72 -1.84
C VAL A 83 -5.85 -4.38 -2.61
N ASP A 84 -5.42 -5.34 -3.42
CA ASP A 84 -4.27 -5.22 -4.27
C ASP A 84 -4.75 -4.75 -5.64
N THR A 85 -4.04 -3.82 -6.27
CA THR A 85 -4.50 -3.22 -7.52
C THR A 85 -3.58 -3.55 -8.70
N PRO A 86 -4.18 -3.65 -9.91
CA PRO A 86 -3.40 -3.90 -11.11
C PRO A 86 -2.82 -2.58 -11.63
N GLY A 87 -2.36 -2.57 -12.89
CA GLY A 87 -1.65 -1.40 -13.43
C GLY A 87 -2.50 -0.21 -13.80
N ILE A 88 -3.41 0.19 -12.93
CA ILE A 88 -4.31 1.34 -13.15
C ILE A 88 -3.58 2.66 -13.40
N PHE A 89 -2.46 2.89 -12.72
CA PHE A 89 -1.66 4.11 -12.87
C PHE A 89 -0.36 3.91 -13.67
N ASN A 95 -8.61 2.98 -21.35
CA ASN A 95 -9.14 4.14 -20.62
C ASN A 95 -10.60 3.95 -20.20
N ALA A 96 -11.40 3.33 -21.06
CA ALA A 96 -12.78 2.97 -20.72
C ALA A 96 -12.81 1.73 -19.80
N GLU A 97 -12.06 0.70 -20.20
CA GLU A 97 -11.93 -0.51 -19.39
C GLU A 97 -11.30 -0.23 -18.02
N THR A 98 -10.34 0.68 -17.95
CA THR A 98 -9.70 1.05 -16.70
C THR A 98 -10.70 1.71 -15.76
N SER A 99 -11.52 2.60 -16.30
CA SER A 99 -12.51 3.31 -15.51
C SER A 99 -13.52 2.36 -14.85
N LYS A 100 -14.04 1.40 -15.63
CA LYS A 100 -14.89 0.32 -15.08
C LYS A 100 -14.18 -0.40 -13.94
N GLU A 101 -12.93 -0.77 -14.17
CA GLU A 101 -12.17 -1.51 -13.17
C GLU A 101 -11.87 -0.64 -11.94
N ILE A 102 -11.63 0.66 -12.12
CA ILE A 102 -11.45 1.60 -10.98
C ILE A 102 -12.73 1.63 -10.16
N ILE A 103 -13.87 1.75 -10.81
CA ILE A 103 -15.13 1.79 -10.08
C ILE A 103 -15.31 0.49 -9.29
N ARG A 104 -14.98 -0.63 -9.92
CA ARG A 104 -15.09 -1.94 -9.29
C ARG A 104 -14.10 -2.10 -8.13
N CYS A 105 -12.88 -1.57 -8.28
CA CYS A 105 -11.91 -1.57 -7.21
C CYS A 105 -12.41 -0.77 -5.98
N ILE A 106 -12.99 0.39 -6.24
CA ILE A 106 -13.52 1.24 -5.18
C ILE A 106 -14.67 0.56 -4.44
N LEU A 107 -15.56 -0.11 -5.17
CA LEU A 107 -16.70 -0.79 -4.55
C LEU A 107 -16.27 -1.93 -3.59
N LEU A 108 -15.09 -2.48 -3.80
CA LEU A 108 -14.61 -3.56 -2.95
C LEU A 108 -14.37 -3.11 -1.50
N THR A 109 -13.97 -1.84 -1.28
CA THR A 109 -13.65 -1.35 0.07
C THR A 109 -14.68 -0.42 0.69
N SER A 110 -15.91 -0.47 0.19
CA SER A 110 -16.98 0.43 0.66
C SER A 110 -17.18 0.35 2.15
N PRO A 111 -17.53 1.49 2.80
CA PRO A 111 -17.66 2.85 2.22
C PRO A 111 -16.32 3.51 1.81
N GLY A 112 -15.20 3.00 2.31
CA GLY A 112 -13.90 3.49 1.94
C GLY A 112 -12.82 2.82 2.76
N PRO A 113 -11.58 2.88 2.29
CA PRO A 113 -10.49 2.35 3.05
C PRO A 113 -10.10 3.22 4.24
N HIS A 114 -9.38 2.62 5.17
CA HIS A 114 -8.74 3.33 6.26
C HIS A 114 -7.34 3.81 5.89
N ALA A 115 -6.69 3.09 4.98
CA ALA A 115 -5.30 3.41 4.64
C ALA A 115 -5.04 3.10 3.17
N LEU A 116 -4.35 4.03 2.49
CA LEU A 116 -3.96 3.89 1.10
C LEU A 116 -2.43 3.87 1.09
N LEU A 117 -1.88 2.78 0.62
CA LEU A 117 -0.46 2.52 0.67
C LEU A 117 0.13 2.72 -0.72
N LEU A 118 1.03 3.70 -0.82
CA LEU A 118 1.78 3.98 -2.03
C LEU A 118 3.06 3.18 -1.92
N VAL A 119 3.24 2.26 -2.86
CA VAL A 119 4.33 1.29 -2.81
C VAL A 119 5.40 1.68 -3.84
N VAL A 120 6.64 1.83 -3.37
CA VAL A 120 7.76 2.31 -4.20
C VAL A 120 8.99 1.37 -4.07
N PRO A 121 9.60 0.95 -5.22
CA PRO A 121 10.74 0.04 -5.12
C PRO A 121 12.06 0.75 -4.95
N LEU A 122 12.70 0.55 -3.81
CA LEU A 122 14.01 1.15 -3.58
C LEU A 122 14.98 0.72 -4.69
N GLY A 123 15.84 1.65 -5.13
CA GLY A 123 16.84 1.34 -6.16
C GLY A 123 16.31 1.41 -7.59
N ARG A 124 15.05 0.99 -7.79
CA ARG A 124 14.41 0.94 -9.09
C ARG A 124 13.41 2.09 -9.28
N TYR A 125 13.70 3.24 -8.68
CA TYR A 125 12.79 4.39 -8.74
C TYR A 125 13.47 5.47 -9.61
N THR A 126 13.13 5.52 -10.90
CA THR A 126 13.96 6.21 -11.91
C THR A 126 13.25 7.29 -12.77
N GLU A 127 12.35 6.87 -13.66
CA GLU A 127 11.69 7.80 -14.61
C GLU A 127 10.19 7.52 -14.70
N GLU A 128 9.84 6.35 -15.25
CA GLU A 128 8.43 5.92 -15.34
C GLU A 128 7.85 5.55 -13.97
N GLU A 129 8.71 5.34 -12.97
CA GLU A 129 8.25 5.06 -11.59
C GLU A 129 7.75 6.32 -10.87
N HIS A 130 8.40 7.45 -11.12
CA HIS A 130 7.98 8.74 -10.54
C HIS A 130 6.81 9.33 -11.31
N LYS A 131 6.73 9.03 -12.61
CA LYS A 131 5.59 9.43 -13.44
C LYS A 131 4.27 8.87 -12.90
N ALA A 132 4.31 7.65 -12.37
CA ALA A 132 3.13 7.04 -11.73
C ALA A 132 2.78 7.72 -10.41
N THR A 133 3.81 8.06 -9.63
CA THR A 133 3.63 8.68 -8.31
C THR A 133 3.00 10.08 -8.34
N GLU A 134 3.43 10.90 -9.30
CA GLU A 134 2.90 12.25 -9.45
C GLU A 134 1.44 12.23 -9.87
N LYS A 135 1.07 11.22 -10.64
CA LYS A 135 -0.32 11.06 -11.11
C LYS A 135 -1.22 10.56 -9.98
N ILE A 136 -0.74 9.58 -9.22
CA ILE A 136 -1.45 9.10 -8.03
C ILE A 136 -1.71 10.28 -7.07
N LEU A 137 -0.66 11.05 -6.78
CA LEU A 137 -0.78 12.19 -5.86
C LEU A 137 -1.68 13.30 -6.39
N LYS A 138 -1.58 13.62 -7.68
CA LYS A 138 -2.48 14.61 -8.28
C LYS A 138 -3.92 14.10 -8.21
N PHE A 140 -5.41 11.82 -6.10
CA PHE A 140 -5.99 11.82 -4.74
C PHE A 140 -5.95 13.19 -4.04
N GLY A 141 -4.91 13.99 -4.32
CA GLY A 141 -4.85 15.39 -3.86
C GLY A 141 -4.54 15.55 -2.38
N GLU A 142 -4.57 16.78 -1.90
CA GLU A 142 -4.19 17.12 -0.52
C GLU A 142 -4.96 16.37 0.58
N ARG A 143 -6.27 16.23 0.38
CA ARG A 143 -7.21 15.65 1.36
C ARG A 143 -6.80 14.25 1.75
N ALA A 144 -6.39 13.50 0.74
CA ALA A 144 -6.04 12.11 0.91
C ALA A 144 -4.75 11.91 1.69
N ARG A 145 -3.92 12.93 1.81
CA ARG A 145 -2.62 12.74 2.43
C ARG A 145 -2.67 12.15 3.83
N SER A 146 -3.72 12.50 4.59
CA SER A 146 -3.88 12.06 5.97
C SER A 146 -4.07 10.54 6.14
N PHE A 147 -4.55 9.85 5.09
CA PHE A 147 -4.72 8.40 5.14
C PHE A 147 -3.77 7.61 4.22
N ILE A 149 0.10 6.23 3.21
CA ILE A 149 1.36 5.78 3.82
C ILE A 149 2.31 5.34 2.70
N LEU A 150 3.57 5.70 2.83
CA LEU A 150 4.57 5.36 1.82
C LEU A 150 5.22 4.04 2.21
N ILE A 151 5.15 3.04 1.35
CA ILE A 151 5.84 1.75 1.57
C ILE A 151 6.99 1.57 0.57
N PHE A 152 8.22 1.54 1.08
CA PHE A 152 9.36 1.15 0.25
C PHE A 152 9.52 -0.36 0.25
N THR A 153 9.70 -0.95 -0.93
CA THR A 153 10.07 -2.37 -1.03
C THR A 153 11.55 -2.48 -1.41
N ARG A 154 12.06 -3.72 -1.45
CA ARG A 154 13.44 -4.02 -1.83
C ARG A 154 14.44 -3.42 -0.84
N LYS A 155 14.09 -3.51 0.45
CA LYS A 155 14.97 -3.06 1.51
C LYS A 155 16.26 -3.87 1.52
N ASP A 156 16.13 -5.15 1.20
CA ASP A 156 17.25 -6.07 1.14
C ASP A 156 18.27 -5.74 0.04
N ASP A 157 17.85 -4.98 -0.98
CA ASP A 157 18.78 -4.51 -2.03
C ASP A 157 19.73 -3.46 -1.46
N LEU A 158 19.44 -2.98 -0.25
CA LEU A 158 20.39 -2.17 0.51
C LEU A 158 21.29 -3.10 1.34
N PRO A 171 18.99 11.17 -3.35
CA PRO A 171 18.24 11.20 -4.61
C PRO A 171 17.07 12.18 -4.52
N GLU A 172 16.83 12.95 -5.58
CA GLU A 172 15.82 14.03 -5.54
C GLU A 172 14.38 13.49 -5.49
N ASP A 173 14.10 12.49 -6.30
CA ASP A 173 12.76 11.90 -6.38
C ASP A 173 12.36 11.28 -5.05
N ILE A 174 13.32 10.64 -4.37
CA ILE A 174 13.09 10.03 -3.05
C ILE A 174 12.92 11.09 -1.97
N GLN A 175 13.70 12.16 -2.01
CA GLN A 175 13.58 13.23 -1.02
C GLN A 175 12.27 14.05 -1.17
N ASP A 176 11.79 14.22 -2.40
CA ASP A 176 10.46 14.83 -2.62
C ASP A 176 9.37 13.97 -1.95
N LEU A 177 9.47 12.66 -2.11
CA LEU A 177 8.54 11.73 -1.45
C LEU A 177 8.56 11.86 0.06
N ASP A 179 9.58 14.41 1.83
CA ASP A 179 9.01 15.70 2.24
C ASP A 179 7.51 15.57 2.49
N ILE A 180 6.85 14.67 1.76
CA ILE A 180 5.42 14.45 1.94
C ILE A 180 5.12 13.41 3.04
N PHE A 181 5.79 12.25 3.00
CA PHE A 181 5.51 11.14 3.96
C PHE A 181 6.59 10.91 5.03
N GLY A 182 7.25 11.96 5.49
CA GLY A 182 8.34 11.79 6.46
C GLY A 182 7.94 11.01 7.71
N ASP A 183 6.74 11.27 8.21
CA ASP A 183 6.25 10.67 9.43
C ASP A 183 5.57 9.32 9.16
N ARG A 184 5.16 9.07 7.89
CA ARG A 184 4.26 7.98 7.53
C ARG A 184 4.88 7.08 6.47
N TYR A 185 5.94 6.36 6.81
CA TYR A 185 6.61 5.48 5.86
C TYR A 185 7.24 4.28 6.53
N CYS A 186 7.50 3.29 5.70
CA CYS A 186 7.98 1.99 6.11
C CYS A 186 8.82 1.43 4.96
N ALA A 187 9.91 0.73 5.28
CA ALA A 187 10.67 -0.01 4.30
C ALA A 187 10.50 -1.51 4.55
N LEU A 188 10.21 -2.28 3.50
CA LEU A 188 9.96 -3.72 3.65
C LEU A 188 10.99 -4.53 2.88
N ASN A 189 11.38 -5.68 3.42
CA ASN A 189 12.01 -6.76 2.66
C ASN A 189 10.98 -7.84 2.54
N ASN A 190 10.24 -7.86 1.44
CA ASN A 190 9.14 -8.83 1.28
C ASN A 190 9.61 -10.28 1.10
N LYS A 191 10.91 -10.47 0.91
CA LYS A 191 11.49 -11.81 0.85
C LYS A 191 11.86 -12.35 2.25
N ALA A 192 11.72 -11.52 3.27
CA ALA A 192 12.05 -11.90 4.64
C ALA A 192 11.31 -13.16 5.04
N THR A 193 11.94 -14.00 5.84
CA THR A 193 11.28 -15.18 6.40
C THR A 193 11.49 -15.20 7.91
N GLY A 194 10.76 -16.09 8.58
CA GLY A 194 10.92 -16.35 10.00
C GLY A 194 10.69 -15.13 10.87
N ALA A 195 11.58 -14.96 11.85
CA ALA A 195 11.49 -13.86 12.81
C ALA A 195 11.56 -12.46 12.17
N GLU A 196 12.43 -12.29 11.17
CA GLU A 196 12.56 -11.01 10.44
C GLU A 196 11.23 -10.65 9.80
N GLN A 197 10.61 -11.64 9.14
CA GLN A 197 9.30 -11.46 8.53
C GLN A 197 8.24 -11.09 9.58
N GLU A 198 8.19 -11.82 10.69
CA GLU A 198 7.18 -11.54 11.74
C GLU A 198 7.39 -10.16 12.39
N ALA A 199 8.65 -9.80 12.65
CA ALA A 199 8.97 -8.47 13.22
C ALA A 199 8.56 -7.34 12.29
N GLN A 200 8.91 -7.46 11.02
CA GLN A 200 8.56 -6.43 10.05
C GLN A 200 7.05 -6.31 9.81
N ARG A 201 6.33 -7.42 9.89
CA ARG A 201 4.87 -7.38 9.76
C ARG A 201 4.26 -6.63 10.92
N ALA A 202 4.71 -6.91 12.14
CA ALA A 202 4.23 -6.18 13.30
C ALA A 202 4.49 -4.67 13.17
N GLN A 203 5.71 -4.28 12.80
CA GLN A 203 6.04 -2.84 12.64
C GLN A 203 5.13 -2.21 11.56
N LEU A 204 4.88 -2.95 10.48
CA LEU A 204 4.04 -2.42 9.40
C LEU A 204 2.58 -2.24 9.83
N LEU A 205 2.02 -3.26 10.47
CA LEU A 205 0.64 -3.14 10.94
C LEU A 205 0.58 -2.06 12.03
N GLY A 206 1.63 -1.93 12.84
CA GLY A 206 1.67 -0.88 13.88
C GLY A 206 1.60 0.52 13.29
N LEU A 207 2.32 0.77 12.20
CA LEU A 207 2.29 2.09 11.51
C LEU A 207 0.89 2.38 10.94
N ILE A 208 0.31 1.37 10.29
CA ILE A 208 -1.00 1.54 9.65
C ILE A 208 -2.02 1.90 10.69
N GLN A 209 -2.05 1.15 11.81
CA GLN A 209 -2.95 1.46 12.90
C GLN A 209 -2.69 2.85 13.49
N ARG A 210 -1.42 3.23 13.61
CA ARG A 210 -1.10 4.58 14.12
C ARG A 210 -1.69 5.68 13.22
N VAL A 211 -1.45 5.55 11.91
CA VAL A 211 -1.93 6.54 10.94
C VAL A 211 -3.45 6.59 10.97
N VAL A 212 -4.07 5.42 11.07
CA VAL A 212 -5.52 5.33 11.08
C VAL A 212 -6.14 5.96 12.34
N ARG A 213 -5.57 5.68 13.52
CA ARG A 213 -6.09 6.29 14.77
C ARG A 213 -5.87 7.81 14.81
N GLU A 214 -4.79 8.28 14.18
CA GLU A 214 -4.47 9.70 14.13
C GLU A 214 -5.27 10.48 13.08
N ASN A 215 -5.90 9.79 12.12
CA ASN A 215 -6.63 10.48 11.05
C ASN A 215 -7.84 11.22 11.60
N LYS A 216 -7.65 12.52 11.87
CA LYS A 216 -8.70 13.37 12.44
C LYS A 216 -9.83 13.64 11.44
N GLU A 217 -9.64 13.28 10.16
CA GLU A 217 -10.71 13.30 9.14
C GLU A 217 -11.15 11.89 8.71
N GLY A 218 -10.80 10.87 9.50
CA GLY A 218 -11.19 9.48 9.20
C GLY A 218 -12.60 9.23 9.67
N CYS A 219 -12.73 8.69 10.90
CA CYS A 219 -14.02 8.46 11.53
C CYS A 219 -14.75 9.76 11.90
N TYR A 220 -16.06 9.63 12.12
CA TYR A 220 -16.87 10.69 12.71
C TYR A 220 -17.19 10.37 14.17
#